data_6I0B
#
_entry.id   6I0B
#
_cell.length_a   154.351
_cell.length_b   154.351
_cell.length_c   128.039
_cell.angle_alpha   90.00
_cell.angle_beta   90.00
_cell.angle_gamma   90.00
#
_symmetry.space_group_name_H-M   'I 4 2 2'
#
loop_
_entity.id
_entity.type
_entity.pdbx_description
1 polymer Cholinesterase
2 branched alpha-L-fucopyranose-(1-6)-2-acetamido-2-deoxy-beta-D-glucopyranose
3 branched 2-acetamido-2-deoxy-beta-D-glucopyranose-(1-4)-[alpha-L-fucopyranose-(1-6)]2-acetamido-2-deoxy-beta-D-glucopyranose
4 non-polymer 2-acetamido-2-deoxy-beta-D-glucopyranose
5 non-polymer '2-(N-MORPHOLINO)-ETHANESULFONIC ACID'
6 non-polymer (2~{S})-2-azanyl-~{N}-[6-[(6-chloranyl-1,2,3,4-tetrahydroacridin-9-yl)amino]hexyl]-3-(1~{H}-indol-3-yl)propanamide
7 non-polymer GLYCEROL
8 non-polymer 'SULFATE ION'
9 non-polymer 'CHLORIDE ION'
10 water water
#
_entity_poly.entity_id   1
_entity_poly.type   'polypeptide(L)'
_entity_poly.pdbx_seq_one_letter_code
;EDDIIIATKNGKVRGMQLTVFGGTVTAFLGIPYAQPPLGRLRFKKPQSLTKWSDIWNATKYANSCCQNIDQSFPGFHGSE
MWNPNTDLSEDCLYLNVWIPAPKPKNATVLIWIYGGGFQTGTSSLHVYDGKFLARVERVIVVSMNYRVGALGFLALPGNP
EAPGNMGLFDQQLALQWVQKNIAAFGGNPKSVTLFGESAGAASVSLHLLSPGSHSLFTRAILQSGSFNAPWAVTSLYEAR
NRTLNLAKLTGCSRENETEIIKCLRNKDPQEILLNEAFVVPYGTPLSVNFGPTVDGDFLTDMPDILLELGQFKKTQILVG
VNKDEGTAFLVYGAPGFSKDNNSIITRKEFQEGLKIFFPGVSEFGKESILFHYTDWVDDQRPENYREALGDVVGDYNFIC
PALEFTKKFSEWGNNAFFYYFEHRSSKLPWPEWMGVMHGYEIEFVFGLPLERRDQYTKAEEILSRSIVKRWANFAKYGNP
QETQNQSTSWPVFKSTEQKYLTLNTESTRIMTKLRAQQCRFWTSFFPKV
;
_entity_poly.pdbx_strand_id   A
#
loop_
_chem_comp.id
_chem_comp.type
_chem_comp.name
_chem_comp.formula
9A5 non-polymer (2~{S})-2-azanyl-~{N}-[6-[(6-chloranyl-1,2,3,4-tetrahydroacridin-9-yl)amino]hexyl]-3-(1~{H}-indol-3-yl)propanamide 'C30 H36 Cl N5 O'
CL non-polymer 'CHLORIDE ION' 'Cl -1'
FUC L-saccharide, alpha linking alpha-L-fucopyranose 'C6 H12 O5'
GOL non-polymer GLYCEROL 'C3 H8 O3'
MES non-polymer '2-(N-MORPHOLINO)-ETHANESULFONIC ACID' 'C6 H13 N O4 S'
NAG D-saccharide, beta linking 2-acetamido-2-deoxy-beta-D-glucopyranose 'C8 H15 N O6'
SO4 non-polymer 'SULFATE ION' 'O4 S -2'
#
# COMPACT_ATOMS: atom_id res chain seq x y z
N ILE A 4 15.97 -13.83 -24.29
CA ILE A 4 14.56 -13.94 -23.94
C ILE A 4 14.25 -15.10 -22.99
N ILE A 5 15.24 -15.91 -22.62
CA ILE A 5 15.03 -17.03 -21.71
C ILE A 5 16.05 -16.96 -20.59
N ILE A 6 15.58 -17.04 -19.34
CA ILE A 6 16.42 -16.90 -18.16
C ILE A 6 16.31 -18.18 -17.35
N ALA A 7 17.44 -18.70 -16.90
CA ALA A 7 17.47 -19.87 -16.02
C ALA A 7 17.42 -19.40 -14.57
N THR A 8 16.41 -19.84 -13.84
CA THR A 8 16.27 -19.57 -12.41
C THR A 8 16.61 -20.81 -11.60
N LYS A 9 16.60 -20.67 -10.27
CA LYS A 9 16.96 -21.79 -9.42
C LYS A 9 15.95 -22.94 -9.52
N ASN A 10 14.73 -22.68 -9.96
CA ASN A 10 13.71 -23.71 -10.05
C ASN A 10 13.32 -24.03 -11.48
N GLY A 11 13.96 -23.43 -12.47
CA GLY A 11 13.68 -23.76 -13.85
C GLY A 11 13.86 -22.54 -14.73
N LYS A 12 13.73 -22.77 -16.03
CA LYS A 12 13.85 -21.71 -17.02
C LYS A 12 12.52 -21.03 -17.25
N VAL A 13 12.58 -19.72 -17.47
CA VAL A 13 11.40 -18.92 -17.74
C VAL A 13 11.61 -18.17 -19.05
N ARG A 14 10.58 -18.17 -19.89
CA ARG A 14 10.58 -17.41 -21.14
C ARG A 14 9.82 -16.11 -20.94
N GLY A 15 10.44 -15.00 -21.33
CA GLY A 15 9.82 -13.70 -21.23
C GLY A 15 9.31 -13.21 -22.57
N MET A 16 8.98 -11.93 -22.59
CA MET A 16 8.46 -11.29 -23.79
C MET A 16 9.02 -9.88 -23.87
N GLN A 17 9.06 -9.35 -25.08
CA GLN A 17 9.73 -8.11 -25.38
C GLN A 17 8.72 -7.00 -25.61
N LEU A 18 9.00 -5.83 -25.08
CA LEU A 18 8.10 -4.69 -25.19
C LEU A 18 8.88 -3.53 -25.79
N THR A 19 8.22 -2.76 -26.62
CA THR A 19 8.80 -1.53 -27.13
C THR A 19 8.27 -0.40 -26.27
N VAL A 20 9.18 0.40 -25.72
CA VAL A 20 8.84 1.53 -24.86
C VAL A 20 9.74 2.68 -25.27
N PHE A 21 9.14 3.78 -25.72
CA PHE A 21 9.89 5.00 -25.99
C PHE A 21 11.07 4.76 -26.93
N GLY A 22 10.83 4.04 -28.02
CA GLY A 22 11.90 3.73 -28.92
C GLY A 22 12.91 2.74 -28.40
N GLY A 23 12.76 2.25 -27.18
CA GLY A 23 13.63 1.25 -26.62
C GLY A 23 12.90 -0.06 -26.40
N THR A 24 13.55 -0.94 -25.67
CA THR A 24 13.03 -2.27 -25.43
C THR A 24 13.14 -2.62 -23.94
N VAL A 25 12.06 -3.13 -23.39
CA VAL A 25 12.06 -3.69 -22.05
C VAL A 25 11.70 -5.17 -22.18
N THR A 26 12.32 -6.01 -21.37
CA THR A 26 11.98 -7.41 -21.31
C THR A 26 11.10 -7.65 -20.08
N ALA A 27 9.89 -8.18 -20.31
CA ALA A 27 8.92 -8.41 -19.26
C ALA A 27 8.75 -9.90 -19.02
N PHE A 28 8.75 -10.28 -17.74
CA PHE A 28 8.47 -11.66 -17.30
C PHE A 28 7.23 -11.55 -16.41
N LEU A 29 6.08 -11.79 -17.00
CA LEU A 29 4.80 -11.65 -16.32
C LEU A 29 4.34 -13.02 -15.82
N GLY A 30 4.11 -13.13 -14.52
CA GLY A 30 3.55 -14.34 -13.94
C GLY A 30 4.52 -15.48 -13.69
N ILE A 31 5.64 -15.20 -13.05
CA ILE A 31 6.52 -16.27 -12.56
C ILE A 31 5.97 -16.75 -11.22
N PRO A 32 5.79 -18.05 -11.03
CA PRO A 32 5.35 -18.54 -9.72
C PRO A 32 6.48 -18.47 -8.73
N TYR A 33 6.15 -18.20 -7.47
CA TYR A 33 7.17 -18.11 -6.44
C TYR A 33 6.81 -18.95 -5.21
N ALA A 34 5.73 -19.73 -5.29
CA ALA A 34 5.34 -20.60 -4.19
C ALA A 34 4.42 -21.69 -4.72
N GLN A 35 4.28 -22.76 -3.92
CA GLN A 35 3.26 -23.74 -4.22
C GLN A 35 1.89 -23.06 -4.13
N PRO A 36 0.99 -23.31 -5.08
CA PRO A 36 -0.37 -22.77 -4.97
C PRO A 36 -0.97 -23.12 -3.61
N PRO A 37 -1.49 -22.15 -2.89
CA PRO A 37 -1.94 -22.39 -1.51
C PRO A 37 -3.33 -23.00 -1.46
N LEU A 38 -3.51 -24.12 -2.17
CA LEU A 38 -4.79 -24.80 -2.35
C LEU A 38 -4.93 -25.97 -1.39
N GLY A 39 -6.19 -26.32 -1.09
CA GLY A 39 -6.47 -27.59 -0.44
C GLY A 39 -6.04 -27.60 1.02
N ARG A 40 -5.16 -28.56 1.36
CA ARG A 40 -4.60 -28.58 2.71
C ARG A 40 -3.80 -27.30 3.01
N LEU A 41 -3.37 -26.57 1.97
CA LEU A 41 -2.49 -25.41 2.09
C LEU A 41 -3.21 -24.08 2.27
N ARG A 42 -4.52 -24.02 2.02
CA ARG A 42 -5.25 -22.79 2.29
C ARG A 42 -5.06 -22.41 3.76
N PHE A 43 -4.75 -21.13 4.01
CA PHE A 43 -4.53 -20.49 5.32
C PHE A 43 -3.14 -20.75 5.88
N LYS A 44 -2.30 -21.57 5.26
CA LYS A 44 -0.98 -21.83 5.79
C LYS A 44 0.04 -20.91 5.14
N LYS A 45 1.21 -20.83 5.78
CA LYS A 45 2.32 -20.09 5.21
C LYS A 45 2.64 -20.63 3.82
N PRO A 46 3.17 -19.79 2.94
CA PRO A 46 3.52 -20.26 1.60
C PRO A 46 4.65 -21.26 1.65
N GLN A 47 4.56 -22.29 0.80
CA GLN A 47 5.53 -23.38 0.76
C GLN A 47 6.37 -23.22 -0.50
N SER A 48 7.65 -23.59 -0.39
CA SER A 48 8.58 -23.24 -1.45
C SER A 48 8.35 -24.11 -2.69
N LEU A 49 8.71 -23.54 -3.84
CA LEU A 49 8.41 -24.14 -5.13
C LEU A 49 9.38 -25.27 -5.45
N THR A 50 8.85 -26.42 -5.81
CA THR A 50 9.69 -27.51 -6.27
C THR A 50 9.95 -27.33 -7.76
N LYS A 51 11.19 -27.63 -8.15
CA LYS A 51 11.73 -27.43 -9.49
C LYS A 51 10.77 -27.81 -10.61
N TRP A 52 10.86 -27.12 -11.75
CA TRP A 52 10.26 -27.59 -12.98
C TRP A 52 11.35 -27.72 -14.04
N SER A 53 10.99 -28.42 -15.12
CA SER A 53 11.95 -28.82 -16.13
C SER A 53 11.70 -28.23 -17.51
N ASP A 54 10.48 -27.81 -17.81
CA ASP A 54 10.18 -27.18 -19.09
C ASP A 54 10.71 -25.76 -19.11
N ILE A 55 10.14 -24.92 -19.96
CA ILE A 55 10.36 -23.48 -19.93
C ILE A 55 9.02 -22.84 -19.57
N TRP A 56 8.92 -22.31 -18.35
CA TRP A 56 7.73 -21.56 -17.98
C TRP A 56 7.56 -20.34 -18.88
N ASN A 57 6.34 -20.13 -19.33
CA ASN A 57 6.04 -19.03 -20.24
C ASN A 57 5.46 -17.90 -19.41
N ALA A 58 6.33 -16.99 -18.99
CA ALA A 58 5.90 -15.81 -18.24
C ALA A 58 5.66 -14.66 -19.21
N THR A 59 4.57 -14.80 -19.97
CA THR A 59 4.23 -13.89 -21.06
C THR A 59 2.89 -13.19 -20.86
N LYS A 60 2.27 -13.32 -19.68
CA LYS A 60 1.03 -12.63 -19.38
C LYS A 60 0.85 -12.63 -17.86
N TYR A 61 0.15 -11.62 -17.36
CA TYR A 61 -0.12 -11.56 -15.94
C TYR A 61 -0.84 -12.83 -15.48
N ALA A 62 -0.57 -13.22 -14.24
CA ALA A 62 -1.20 -14.41 -13.68
C ALA A 62 -2.52 -14.06 -12.99
N ASN A 63 -3.16 -15.06 -12.39
CA ASN A 63 -4.35 -14.85 -11.58
C ASN A 63 -4.07 -13.88 -10.42
N SER A 64 -5.00 -12.95 -10.20
CA SER A 64 -5.10 -12.22 -8.95
C SER A 64 -5.73 -13.12 -7.88
N CYS A 65 -5.39 -12.85 -6.61
CA CYS A 65 -5.93 -13.64 -5.51
C CYS A 65 -7.41 -13.31 -5.26
N CYS A 66 -8.10 -14.26 -4.62
CA CYS A 66 -9.53 -14.09 -4.38
C CYS A 66 -9.79 -12.85 -3.54
N GLN A 67 -10.84 -12.10 -3.87
CA GLN A 67 -11.12 -10.85 -3.16
C GLN A 67 -12.52 -10.36 -3.54
N ASN A 68 -13.14 -9.61 -2.65
CA ASN A 68 -14.37 -8.89 -2.97
C ASN A 68 -14.03 -7.68 -3.83
N ILE A 69 -14.89 -7.40 -4.79
CA ILE A 69 -14.73 -6.26 -5.69
C ILE A 69 -15.65 -5.12 -5.26
N ASP A 70 -15.13 -3.90 -5.32
CA ASP A 70 -15.93 -2.69 -5.18
C ASP A 70 -17.01 -2.62 -6.26
N GLN A 71 -18.29 -2.59 -5.84
CA GLN A 71 -19.40 -2.51 -6.80
C GLN A 71 -20.21 -1.22 -6.67
N SER A 72 -19.63 -0.16 -6.10
CA SER A 72 -20.39 1.08 -5.85
C SER A 72 -20.50 1.98 -7.08
N PHE A 73 -19.57 1.90 -8.03
CA PHE A 73 -19.64 2.72 -9.24
C PHE A 73 -19.39 1.88 -10.48
N PRO A 74 -20.28 0.92 -10.74
CA PRO A 74 -20.13 0.08 -11.95
C PRO A 74 -20.00 0.94 -13.21
N GLY A 75 -19.09 0.53 -14.09
CA GLY A 75 -18.86 1.25 -15.33
C GLY A 75 -18.07 2.53 -15.20
N PHE A 76 -17.71 2.94 -13.99
CA PHE A 76 -17.00 4.19 -13.76
C PHE A 76 -15.50 3.90 -13.66
N HIS A 77 -14.72 4.48 -14.56
CA HIS A 77 -13.30 4.14 -14.61
C HIS A 77 -12.55 4.64 -13.37
N GLY A 78 -13.00 5.75 -12.76
CA GLY A 78 -12.33 6.25 -11.56
C GLY A 78 -12.27 5.19 -10.47
N SER A 79 -13.29 4.36 -10.41
CA SER A 79 -13.46 3.25 -9.49
C SER A 79 -12.85 1.96 -10.03
N GLU A 80 -13.05 1.68 -11.31
CA GLU A 80 -12.73 0.35 -11.80
C GLU A 80 -11.26 0.20 -12.17
N MET A 81 -10.54 1.31 -12.36
CA MET A 81 -9.09 1.25 -12.50
C MET A 81 -8.42 0.53 -11.35
N TRP A 82 -9.08 0.43 -10.20
CA TRP A 82 -8.54 -0.24 -9.01
C TRP A 82 -8.98 -1.70 -8.86
N ASN A 83 -9.97 -2.17 -9.62
CA ASN A 83 -10.44 -3.54 -9.49
C ASN A 83 -9.51 -4.50 -10.21
N PRO A 84 -9.50 -5.77 -9.82
CA PRO A 84 -8.62 -6.75 -10.49
C PRO A 84 -8.88 -6.80 -12.00
N ASN A 85 -7.81 -6.91 -12.77
CA ASN A 85 -7.88 -7.09 -14.23
C ASN A 85 -7.37 -8.46 -14.67
N THR A 86 -7.36 -9.44 -13.78
CA THR A 86 -7.13 -10.84 -14.16
C THR A 86 -8.06 -11.71 -13.34
N ASP A 87 -8.30 -12.93 -13.83
CA ASP A 87 -9.02 -13.97 -13.10
C ASP A 87 -8.68 -13.97 -11.62
N LEU A 88 -9.70 -14.03 -10.79
CA LEU A 88 -9.49 -14.33 -9.38
C LEU A 88 -9.35 -15.83 -9.21
N SER A 89 -8.49 -16.22 -8.26
CA SER A 89 -8.25 -17.63 -8.00
C SER A 89 -7.38 -17.70 -6.76
N GLU A 90 -7.53 -18.80 -6.01
CA GLU A 90 -6.62 -19.05 -4.91
C GLU A 90 -5.20 -19.31 -5.42
N ASP A 91 -5.07 -19.72 -6.68
CA ASP A 91 -3.78 -20.04 -7.27
C ASP A 91 -3.24 -18.73 -7.84
N CYS A 92 -2.55 -17.95 -7.01
CA CYS A 92 -2.29 -16.57 -7.38
C CYS A 92 -0.91 -16.09 -6.89
N LEU A 93 -0.05 -16.97 -6.36
CA LEU A 93 1.25 -16.57 -5.85
C LEU A 93 2.24 -16.51 -7.00
N TYR A 94 2.20 -15.39 -7.71
CA TYR A 94 3.09 -15.16 -8.84
C TYR A 94 3.65 -13.76 -8.72
N LEU A 95 4.74 -13.51 -9.46
CA LEU A 95 5.34 -12.19 -9.50
C LEU A 95 5.74 -11.85 -10.94
N ASN A 96 6.15 -10.59 -11.13
CA ASN A 96 6.52 -10.05 -12.42
C ASN A 96 7.88 -9.38 -12.33
N VAL A 97 8.64 -9.45 -13.42
CA VAL A 97 9.96 -8.82 -13.50
C VAL A 97 10.06 -8.05 -14.80
N TRP A 98 10.39 -6.75 -14.71
CA TRP A 98 10.71 -5.95 -15.87
C TRP A 98 12.20 -5.63 -15.82
N ILE A 99 12.93 -6.00 -16.88
CA ILE A 99 14.36 -5.69 -16.92
C ILE A 99 14.70 -4.88 -18.17
N PRO A 100 15.63 -3.95 -18.07
CA PRO A 100 16.02 -3.17 -19.25
C PRO A 100 16.59 -4.08 -20.32
N ALA A 101 16.39 -3.69 -21.57
CA ALA A 101 17.08 -4.30 -22.68
C ALA A 101 18.04 -3.29 -23.26
N PRO A 102 19.30 -3.67 -23.48
CA PRO A 102 19.80 -5.00 -23.14
C PRO A 102 19.98 -5.21 -21.64
N LYS A 103 19.97 -6.49 -21.24
CA LYS A 103 20.16 -6.99 -19.90
C LYS A 103 21.14 -6.09 -19.17
N PRO A 104 20.80 -5.57 -18.00
CA PRO A 104 21.74 -4.73 -17.25
C PRO A 104 22.79 -5.62 -16.59
N LYS A 105 23.80 -4.96 -16.02
CA LYS A 105 24.88 -5.69 -15.39
C LYS A 105 24.68 -5.86 -13.88
N ASN A 106 24.31 -4.80 -13.17
CA ASN A 106 24.15 -4.90 -11.71
C ASN A 106 23.05 -3.92 -11.29
N ALA A 107 21.87 -4.04 -11.88
CA ALA A 107 20.85 -3.00 -11.73
C ALA A 107 20.24 -3.00 -10.34
N THR A 108 19.98 -1.79 -9.83
CA THR A 108 19.18 -1.64 -8.63
C THR A 108 17.78 -2.20 -8.90
N VAL A 109 17.17 -2.77 -7.86
CA VAL A 109 15.89 -3.45 -7.95
C VAL A 109 14.84 -2.73 -7.11
N LEU A 110 13.67 -2.50 -7.68
CA LEU A 110 12.53 -1.94 -6.96
C LEU A 110 11.43 -2.98 -6.89
N ILE A 111 10.92 -3.23 -5.68
CA ILE A 111 9.90 -4.24 -5.48
C ILE A 111 8.62 -3.54 -5.00
N TRP A 112 7.57 -3.63 -5.81
CA TRP A 112 6.32 -2.96 -5.52
C TRP A 112 5.41 -3.86 -4.70
N ILE A 113 4.75 -3.29 -3.70
CA ILE A 113 3.76 -4.00 -2.88
C ILE A 113 2.48 -3.18 -2.94
N TYR A 114 1.43 -3.71 -3.61
CA TYR A 114 0.18 -2.94 -3.75
C TYR A 114 -0.56 -2.82 -2.42
N GLY A 115 -1.42 -1.81 -2.34
CA GLY A 115 -2.36 -1.66 -1.27
C GLY A 115 -3.76 -2.09 -1.67
N GLY A 116 -4.73 -1.77 -0.81
CA GLY A 116 -6.07 -2.26 -0.98
C GLY A 116 -6.71 -2.70 0.33
N GLY A 117 -6.34 -2.04 1.42
CA GLY A 117 -6.90 -2.41 2.72
C GLY A 117 -6.54 -3.79 3.22
N PHE A 118 -5.54 -4.46 2.62
CA PHE A 118 -5.24 -5.87 2.87
C PHE A 118 -6.40 -6.79 2.50
N GLN A 119 -7.45 -6.26 1.87
CA GLN A 119 -8.57 -7.09 1.44
C GLN A 119 -8.62 -7.23 -0.07
N THR A 120 -8.01 -6.30 -0.81
CA THR A 120 -8.08 -6.25 -2.27
C THR A 120 -6.72 -5.89 -2.83
N GLY A 121 -6.64 -5.90 -4.17
CA GLY A 121 -5.44 -5.44 -4.86
C GLY A 121 -4.80 -6.49 -5.75
N THR A 122 -3.99 -6.06 -6.69
CA THR A 122 -3.31 -7.00 -7.58
C THR A 122 -2.16 -6.27 -8.26
N SER A 123 -1.09 -7.03 -8.54
CA SER A 123 0.08 -6.43 -9.16
C SER A 123 -0.16 -6.11 -10.63
N SER A 124 -1.23 -6.64 -11.22
CA SER A 124 -1.55 -6.55 -12.66
C SER A 124 -2.02 -5.15 -13.08
N LEU A 125 -2.33 -4.26 -12.14
CA LEU A 125 -3.03 -3.04 -12.51
C LEU A 125 -2.17 -2.16 -13.42
N HIS A 126 -2.86 -1.47 -14.32
CA HIS A 126 -2.23 -0.55 -15.26
C HIS A 126 -1.32 0.46 -14.56
N VAL A 127 -1.73 0.98 -13.40
CA VAL A 127 -0.89 1.98 -12.74
C VAL A 127 0.29 1.38 -12.00
N TYR A 128 0.43 0.04 -11.95
CA TYR A 128 1.63 -0.58 -11.41
C TYR A 128 2.51 -1.18 -12.50
N ASP A 129 2.35 -0.73 -13.75
CA ASP A 129 3.16 -1.26 -14.85
C ASP A 129 4.60 -0.77 -14.73
N GLY A 130 5.54 -1.70 -14.52
CA GLY A 130 6.92 -1.35 -14.31
C GLY A 130 7.77 -1.14 -15.54
N LYS A 131 7.18 -1.24 -16.74
CA LYS A 131 7.99 -1.15 -17.95
C LYS A 131 8.60 0.24 -18.12
N PHE A 132 7.96 1.28 -17.63
CA PHE A 132 8.48 2.63 -17.84
C PHE A 132 9.71 2.86 -16.98
N LEU A 133 9.66 2.48 -15.69
CA LEU A 133 10.82 2.60 -14.82
C LEU A 133 12.01 1.80 -15.36
N ALA A 134 11.73 0.63 -15.95
CA ALA A 134 12.81 -0.16 -16.53
C ALA A 134 13.44 0.59 -17.69
N ARG A 135 12.62 1.15 -18.57
CA ARG A 135 13.12 1.80 -19.77
C ARG A 135 13.90 3.07 -19.45
N VAL A 136 13.36 3.91 -18.58
CA VAL A 136 13.87 5.27 -18.38
C VAL A 136 15.05 5.31 -17.41
N GLU A 137 14.98 4.57 -16.30
CA GLU A 137 16.02 4.60 -15.27
C GLU A 137 16.87 3.35 -15.25
N ARG A 138 16.55 2.35 -16.08
CA ARG A 138 17.32 1.12 -16.18
C ARG A 138 17.45 0.42 -14.83
N VAL A 139 16.40 0.50 -14.03
CA VAL A 139 16.27 -0.33 -12.86
C VAL A 139 15.44 -1.55 -13.22
N ILE A 140 15.49 -2.57 -12.37
CA ILE A 140 14.63 -3.74 -12.49
C ILE A 140 13.48 -3.56 -11.51
N VAL A 141 12.25 -3.75 -12.02
CA VAL A 141 11.03 -3.62 -11.22
C VAL A 141 10.45 -5.00 -11.03
N VAL A 142 10.17 -5.36 -9.79
CA VAL A 142 9.50 -6.60 -9.44
C VAL A 142 8.23 -6.24 -8.68
N SER A 143 7.15 -7.01 -8.91
CA SER A 143 5.93 -6.90 -8.14
C SER A 143 5.34 -8.29 -7.98
N MET A 144 4.57 -8.49 -6.89
CA MET A 144 4.05 -9.80 -6.58
C MET A 144 2.59 -9.72 -6.15
N ASN A 145 1.86 -10.81 -6.39
CA ASN A 145 0.55 -10.98 -5.78
C ASN A 145 0.72 -11.67 -4.43
N TYR A 146 -0.02 -11.19 -3.44
CA TYR A 146 -0.03 -11.82 -2.13
C TYR A 146 -1.47 -11.93 -1.68
N ARG A 147 -1.76 -13.01 -0.95
CA ARG A 147 -3.12 -13.27 -0.51
C ARG A 147 -3.68 -12.14 0.36
N VAL A 148 -4.97 -11.85 0.17
CA VAL A 148 -5.63 -10.77 0.88
C VAL A 148 -6.88 -11.31 1.58
N GLY A 149 -7.53 -10.45 2.35
CA GLY A 149 -8.74 -10.83 3.06
C GLY A 149 -8.44 -11.98 4.01
N ALA A 150 -9.47 -12.78 4.29
CA ALA A 150 -9.29 -13.84 5.27
C ALA A 150 -8.35 -14.92 4.76
N LEU A 151 -8.36 -15.18 3.44
CA LEU A 151 -7.43 -16.17 2.91
C LEU A 151 -5.98 -15.75 3.12
N GLY A 152 -5.73 -14.46 3.36
CA GLY A 152 -4.38 -13.97 3.57
C GLY A 152 -4.02 -13.67 5.02
N PHE A 153 -5.02 -13.44 5.89
CA PHE A 153 -4.71 -12.93 7.22
C PHE A 153 -5.60 -13.48 8.33
N LEU A 154 -6.40 -14.52 8.07
CA LEU A 154 -7.14 -15.17 9.14
C LEU A 154 -6.18 -15.65 10.21
N ALA A 155 -6.53 -15.42 11.48
CA ALA A 155 -5.62 -15.72 12.58
C ALA A 155 -6.32 -16.46 13.70
N LEU A 156 -5.83 -17.66 14.00
CA LEU A 156 -6.01 -18.28 15.31
C LEU A 156 -4.60 -18.39 15.88
N PRO A 157 -4.16 -17.40 16.66
CA PRO A 157 -2.74 -17.30 17.00
C PRO A 157 -2.14 -18.58 17.57
N GLY A 158 -0.88 -18.83 17.22
CA GLY A 158 -0.15 -20.03 17.57
C GLY A 158 -0.39 -21.22 16.67
N ASN A 159 -1.55 -21.27 15.99
CA ASN A 159 -2.00 -22.44 15.25
C ASN A 159 -1.48 -22.38 13.82
N PRO A 160 -0.52 -23.23 13.44
CA PRO A 160 0.05 -23.16 12.08
C PRO A 160 -0.93 -23.49 10.96
N GLU A 161 -2.15 -23.92 11.28
CA GLU A 161 -3.18 -24.06 10.26
C GLU A 161 -3.76 -22.71 9.86
N ALA A 162 -3.65 -21.72 10.73
CA ALA A 162 -4.13 -20.36 10.51
C ALA A 162 -3.36 -19.42 11.43
N PRO A 163 -2.05 -19.27 11.21
CA PRO A 163 -1.23 -18.47 12.13
C PRO A 163 -1.41 -16.97 11.99
N GLY A 164 -1.98 -16.50 10.88
CA GLY A 164 -2.03 -15.08 10.57
C GLY A 164 -0.87 -14.63 9.68
N ASN A 165 -1.01 -13.43 9.11
CA ASN A 165 0.08 -12.76 8.40
C ASN A 165 0.55 -13.53 7.16
N MET A 166 -0.28 -14.43 6.63
CA MET A 166 0.13 -15.24 5.48
C MET A 166 0.49 -14.36 4.28
N GLY A 167 -0.30 -13.30 4.05
CA GLY A 167 -0.01 -12.42 2.93
C GLY A 167 1.34 -11.72 3.07
N LEU A 168 1.67 -11.32 4.29
CA LEU A 168 3.00 -10.79 4.54
C LEU A 168 4.06 -11.86 4.26
N PHE A 169 3.81 -13.11 4.69
CA PHE A 169 4.76 -14.17 4.36
C PHE A 169 4.82 -14.43 2.86
N ASP A 170 3.68 -14.29 2.14
CA ASP A 170 3.76 -14.32 0.69
C ASP A 170 4.76 -13.27 0.19
N GLN A 171 4.57 -12.01 0.61
CA GLN A 171 5.47 -10.94 0.20
C GLN A 171 6.93 -11.32 0.50
N GLN A 172 7.18 -11.81 1.71
CA GLN A 172 8.55 -12.12 2.14
C GLN A 172 9.16 -13.20 1.26
N LEU A 173 8.41 -14.27 1.00
CA LEU A 173 8.91 -15.31 0.11
C LEU A 173 9.24 -14.74 -1.27
N ALA A 174 8.49 -13.73 -1.73
CA ALA A 174 8.83 -13.12 -3.02
C ALA A 174 10.13 -12.33 -2.92
N LEU A 175 10.31 -11.56 -1.83
CA LEU A 175 11.60 -10.92 -1.59
C LEU A 175 12.73 -11.95 -1.60
N GLN A 176 12.48 -13.09 -0.94
CA GLN A 176 13.42 -14.19 -0.93
C GLN A 176 13.74 -14.66 -2.34
N TRP A 177 12.72 -14.74 -3.20
CA TRP A 177 12.93 -15.14 -4.58
C TRP A 177 13.87 -14.19 -5.30
N VAL A 178 13.73 -12.89 -5.04
CA VAL A 178 14.61 -11.91 -5.67
C VAL A 178 16.03 -12.09 -5.17
N GLN A 179 16.20 -12.42 -3.90
CA GLN A 179 17.54 -12.66 -3.36
C GLN A 179 18.25 -13.81 -4.09
N LYS A 180 17.54 -14.94 -4.31
CA LYS A 180 18.15 -16.10 -4.94
C LYS A 180 18.23 -16.01 -6.46
N ASN A 181 17.44 -15.14 -7.10
CA ASN A 181 17.22 -15.27 -8.53
C ASN A 181 17.51 -14.04 -9.35
N ILE A 182 17.50 -12.84 -8.77
CA ILE A 182 17.49 -11.66 -9.61
C ILE A 182 18.85 -11.44 -10.28
N ALA A 183 19.92 -11.99 -9.70
CA ALA A 183 21.22 -11.84 -10.33
C ALA A 183 21.22 -12.46 -11.72
N ALA A 184 20.48 -13.55 -11.92
CA ALA A 184 20.32 -14.13 -13.26
C ALA A 184 19.66 -13.16 -14.23
N PHE A 185 18.88 -12.21 -13.74
CA PHE A 185 18.20 -11.24 -14.58
C PHE A 185 19.02 -9.97 -14.77
N GLY A 186 20.24 -9.91 -14.23
CA GLY A 186 21.03 -8.70 -14.28
C GLY A 186 20.85 -7.75 -13.13
N GLY A 187 20.16 -8.17 -12.05
CA GLY A 187 19.92 -7.31 -10.93
C GLY A 187 20.91 -7.52 -9.81
N ASN A 188 21.08 -6.47 -8.99
CA ASN A 188 21.94 -6.54 -7.82
C ASN A 188 21.08 -6.87 -6.59
N PRO A 189 21.14 -8.12 -6.10
CA PRO A 189 20.42 -8.46 -4.87
C PRO A 189 20.88 -7.65 -3.67
N LYS A 190 22.00 -6.95 -3.75
CA LYS A 190 22.45 -6.12 -2.64
C LYS A 190 21.90 -4.70 -2.69
N SER A 191 21.15 -4.33 -3.75
CA SER A 191 20.57 -2.99 -3.90
C SER A 191 19.08 -3.15 -4.25
N VAL A 192 18.27 -3.52 -3.24
CA VAL A 192 16.83 -3.77 -3.38
C VAL A 192 16.08 -2.75 -2.53
N THR A 193 15.24 -1.95 -3.18
CA THR A 193 14.38 -0.98 -2.51
C THR A 193 12.94 -1.47 -2.59
N LEU A 194 12.31 -1.67 -1.43
CA LEU A 194 10.87 -1.94 -1.39
C LEU A 194 10.12 -0.61 -1.53
N PHE A 195 9.06 -0.60 -2.34
CA PHE A 195 8.11 0.51 -2.32
C PHE A 195 6.69 -0.02 -2.46
N GLY A 196 5.74 0.74 -1.91
CA GLY A 196 4.33 0.34 -1.84
C GLY A 196 3.48 1.53 -1.44
N GLU A 197 2.17 1.36 -1.58
CA GLU A 197 1.24 2.44 -1.31
C GLU A 197 0.07 1.92 -0.50
N SER A 198 -0.44 2.75 0.41
CA SER A 198 -1.57 2.41 1.28
C SER A 198 -1.19 1.18 2.11
N ALA A 199 -1.96 0.09 2.07
CA ALA A 199 -1.57 -1.07 2.86
C ALA A 199 -0.26 -1.67 2.34
N GLY A 200 0.07 -1.44 1.06
CA GLY A 200 1.39 -1.82 0.58
C GLY A 200 2.48 -1.07 1.32
N ALA A 201 2.29 0.25 1.49
CA ALA A 201 3.24 1.03 2.29
C ALA A 201 3.27 0.53 3.74
N ALA A 202 2.11 0.22 4.33
CA ALA A 202 2.12 -0.35 5.68
C ALA A 202 2.87 -1.67 5.70
N SER A 203 2.73 -2.49 4.64
CA SER A 203 3.52 -3.72 4.55
C SER A 203 5.01 -3.41 4.52
N VAL A 204 5.43 -2.47 3.65
CA VAL A 204 6.84 -2.10 3.61
C VAL A 204 7.35 -1.75 5.01
N SER A 205 6.55 -0.99 5.78
CA SER A 205 7.04 -0.58 7.09
C SER A 205 7.20 -1.78 8.01
N LEU A 206 6.30 -2.76 7.93
CA LEU A 206 6.38 -3.96 8.76
C LEU A 206 7.55 -4.83 8.36
N HIS A 207 7.94 -4.80 7.08
CA HIS A 207 9.17 -5.47 6.71
C HIS A 207 10.39 -4.81 7.36
N LEU A 208 10.33 -3.50 7.63
CA LEU A 208 11.42 -2.88 8.39
C LEU A 208 11.49 -3.44 9.81
N LEU A 209 10.37 -3.91 10.35
CA LEU A 209 10.35 -4.51 11.69
C LEU A 209 10.67 -5.99 11.69
N SER A 210 10.31 -6.70 10.64
CA SER A 210 10.29 -8.16 10.76
C SER A 210 11.70 -8.72 10.60
N PRO A 211 12.18 -9.50 11.56
CA PRO A 211 13.59 -9.94 11.51
C PRO A 211 13.87 -10.82 10.32
N GLY A 212 12.88 -11.59 9.85
CA GLY A 212 13.11 -12.44 8.69
C GLY A 212 13.15 -11.69 7.36
N SER A 213 12.85 -10.39 7.35
CA SER A 213 13.02 -9.60 6.13
C SER A 213 14.27 -8.72 6.15
N HIS A 214 14.93 -8.61 7.31
N HIS A 214 14.97 -8.62 7.28
CA HIS A 214 16.05 -7.67 7.47
CA HIS A 214 15.99 -7.58 7.41
C HIS A 214 17.01 -7.76 6.31
C HIS A 214 17.11 -7.76 6.38
N SER A 215 17.36 -8.97 5.91
CA SER A 215 18.41 -9.21 4.92
C SER A 215 17.89 -9.36 3.50
N LEU A 216 16.61 -9.06 3.24
CA LEU A 216 16.02 -9.24 1.92
C LEU A 216 15.82 -7.93 1.16
N PHE A 217 16.24 -6.80 1.73
CA PHE A 217 16.13 -5.52 1.04
C PHE A 217 17.10 -4.52 1.67
N THR A 218 17.36 -3.44 0.94
CA THR A 218 18.27 -2.36 1.35
C THR A 218 17.54 -1.18 1.97
N ARG A 219 16.51 -0.67 1.29
CA ARG A 219 15.90 0.64 1.54
C ARG A 219 14.39 0.56 1.35
N ALA A 220 13.68 1.62 1.74
CA ALA A 220 12.22 1.57 1.79
C ALA A 220 11.60 2.91 1.42
N ILE A 221 10.49 2.83 0.68
CA ILE A 221 9.66 3.96 0.27
C ILE A 221 8.23 3.67 0.72
N LEU A 222 7.63 4.60 1.46
CA LEU A 222 6.28 4.42 2.03
C LEU A 222 5.32 5.49 1.48
N GLN A 223 4.46 5.11 0.53
CA GLN A 223 3.53 6.04 -0.11
C GLN A 223 2.17 5.92 0.58
N SER A 224 1.77 6.96 1.33
CA SER A 224 0.46 7.04 1.99
C SER A 224 0.17 5.81 2.85
N GLY A 225 1.07 5.50 3.78
CA GLY A 225 0.78 4.38 4.66
C GLY A 225 1.92 3.94 5.55
N SER A 226 1.60 3.30 6.67
CA SER A 226 2.60 2.84 7.63
C SER A 226 1.90 2.05 8.73
N PHE A 227 2.67 1.21 9.44
CA PHE A 227 2.06 0.23 10.32
C PHE A 227 1.36 0.86 11.54
N ASN A 228 1.75 2.04 11.96
CA ASN A 228 1.07 2.72 13.06
C ASN A 228 -0.23 3.43 12.62
N ALA A 229 -0.66 3.26 11.37
CA ALA A 229 -1.95 3.82 11.02
C ALA A 229 -3.03 3.05 11.78
N PRO A 230 -4.16 3.70 12.10
CA PRO A 230 -5.14 3.03 12.98
C PRO A 230 -5.75 1.75 12.37
N TRP A 231 -5.71 1.59 11.05
CA TRP A 231 -6.27 0.43 10.35
C TRP A 231 -5.24 -0.68 10.11
N ALA A 232 -3.98 -0.51 10.49
CA ALA A 232 -2.93 -1.37 9.92
C ALA A 232 -2.76 -2.70 10.65
N VAL A 233 -2.98 -2.74 11.96
CA VAL A 233 -2.67 -3.94 12.72
C VAL A 233 -3.90 -4.37 13.49
N THR A 234 -4.32 -5.61 13.31
CA THR A 234 -5.48 -6.15 14.00
C THR A 234 -5.03 -6.73 15.34
N SER A 235 -5.71 -6.33 16.42
CA SER A 235 -5.41 -6.91 17.73
C SER A 235 -5.69 -8.41 17.71
N LEU A 236 -4.97 -9.13 18.56
CA LEU A 236 -5.10 -10.57 18.55
C LEU A 236 -6.43 -11.01 19.15
N TYR A 237 -7.04 -10.16 19.97
CA TYR A 237 -8.35 -10.48 20.51
C TYR A 237 -9.42 -10.33 19.44
N GLU A 238 -9.49 -9.17 18.79
CA GLU A 238 -10.51 -9.04 17.74
C GLU A 238 -10.16 -9.90 16.53
N ALA A 239 -8.90 -10.20 16.29
CA ALA A 239 -8.56 -11.15 15.22
C ALA A 239 -9.25 -12.49 15.46
N ARG A 240 -9.15 -13.02 16.68
CA ARG A 240 -9.82 -14.27 16.98
C ARG A 240 -11.34 -14.12 17.01
N ASN A 241 -11.83 -13.01 17.58
CA ASN A 241 -13.26 -12.71 17.48
C ASN A 241 -13.74 -12.74 16.04
N ARG A 242 -12.90 -12.26 15.12
CA ARG A 242 -13.28 -12.24 13.71
C ARG A 242 -13.20 -13.64 13.11
N THR A 243 -12.16 -14.41 13.48
CA THR A 243 -12.08 -15.79 13.01
C THR A 243 -13.29 -16.61 13.47
N LEU A 244 -13.76 -16.38 14.71
CA LEU A 244 -14.90 -17.15 15.21
C LEU A 244 -16.21 -16.69 14.57
N ASN A 245 -16.39 -15.38 14.39
CA ASN A 245 -17.58 -14.90 13.70
C ASN A 245 -17.65 -15.42 12.27
N LEU A 246 -16.50 -15.50 11.60
CA LEU A 246 -16.49 -16.11 10.27
C LEU A 246 -16.90 -17.57 10.36
N ALA A 247 -16.39 -18.29 11.37
CA ALA A 247 -16.73 -19.70 11.55
C ALA A 247 -18.22 -19.91 11.74
N LYS A 248 -18.85 -19.12 12.61
CA LYS A 248 -20.29 -19.30 12.79
C LYS A 248 -21.03 -18.93 11.51
N LEU A 249 -20.63 -17.81 10.86
CA LEU A 249 -21.31 -17.37 9.64
C LEU A 249 -21.26 -18.40 8.52
N THR A 250 -20.36 -19.39 8.62
CA THR A 250 -20.20 -20.42 7.61
C THR A 250 -20.56 -21.80 8.13
N GLY A 251 -21.01 -21.92 9.38
CA GLY A 251 -21.38 -23.20 9.94
C GLY A 251 -20.22 -24.09 10.36
N CYS A 252 -19.04 -23.52 10.60
CA CYS A 252 -17.85 -24.28 10.93
C CYS A 252 -17.44 -24.08 12.38
N SER A 253 -18.31 -23.52 13.20
CA SER A 253 -17.98 -23.41 14.62
C SER A 253 -17.83 -24.80 15.22
N ARG A 254 -16.62 -25.07 15.69
CA ARG A 254 -16.31 -26.28 16.44
C ARG A 254 -15.64 -25.77 17.70
N GLU A 255 -15.00 -26.63 18.47
CA GLU A 255 -14.11 -26.14 19.50
C GLU A 255 -12.75 -26.82 19.50
N ASN A 256 -12.55 -27.89 18.73
CA ASN A 256 -11.20 -28.11 18.21
C ASN A 256 -10.93 -26.97 17.25
N GLU A 257 -10.12 -26.01 17.67
CA GLU A 257 -9.81 -24.88 16.80
C GLU A 257 -9.31 -25.36 15.44
N THR A 258 -8.45 -26.38 15.45
CA THR A 258 -7.97 -26.97 14.20
C THR A 258 -9.11 -27.53 13.37
N GLU A 259 -10.20 -27.97 14.02
CA GLU A 259 -11.34 -28.46 13.27
C GLU A 259 -12.13 -27.33 12.63
N ILE A 260 -12.19 -26.17 13.26
CA ILE A 260 -12.71 -24.98 12.59
C ILE A 260 -11.97 -24.75 11.28
N ILE A 261 -10.63 -24.84 11.32
CA ILE A 261 -9.83 -24.57 10.14
C ILE A 261 -10.09 -25.61 9.06
N LYS A 262 -10.05 -26.90 9.43
CA LYS A 262 -10.36 -27.94 8.45
C LYS A 262 -11.72 -27.70 7.84
N CYS A 263 -12.70 -27.31 8.68
CA CYS A 263 -14.02 -27.01 8.16
C CYS A 263 -14.00 -25.80 7.24
N LEU A 264 -13.36 -24.70 7.67
CA LEU A 264 -13.21 -23.55 6.80
C LEU A 264 -12.46 -23.89 5.51
N ARG A 265 -11.67 -24.96 5.52
CA ARG A 265 -10.95 -25.33 4.31
C ARG A 265 -11.83 -26.05 3.28
N ASN A 266 -12.93 -26.66 3.70
CA ASN A 266 -13.81 -27.33 2.75
C ASN A 266 -14.86 -26.39 2.17
N LYS A 267 -14.78 -25.10 2.47
CA LYS A 267 -15.68 -24.12 1.90
C LYS A 267 -15.15 -23.61 0.57
N ASP A 268 -16.03 -23.09 -0.24
CA ASP A 268 -15.50 -22.52 -1.47
C ASP A 268 -15.07 -21.08 -1.23
N PRO A 269 -14.11 -20.60 -2.04
CA PRO A 269 -13.65 -19.21 -1.89
C PRO A 269 -14.79 -18.21 -1.76
N GLN A 270 -15.83 -18.33 -2.60
CA GLN A 270 -16.89 -17.32 -2.60
C GLN A 270 -17.66 -17.32 -1.27
N GLU A 271 -17.80 -18.48 -0.65
CA GLU A 271 -18.52 -18.53 0.63
C GLU A 271 -17.72 -17.84 1.73
N ILE A 272 -16.40 -17.96 1.70
CA ILE A 272 -15.58 -17.22 2.64
C ILE A 272 -15.63 -15.72 2.34
N LEU A 273 -15.55 -15.37 1.05
CA LEU A 273 -15.50 -13.96 0.67
C LEU A 273 -16.79 -13.21 1.04
N LEU A 274 -17.94 -13.87 0.93
CA LEU A 274 -19.17 -13.13 1.17
C LEU A 274 -19.47 -12.95 2.66
N ASN A 275 -18.84 -13.72 3.53
CA ASN A 275 -19.02 -13.53 4.97
C ASN A 275 -17.98 -12.62 5.62
N GLU A 276 -16.84 -12.35 4.94
CA GLU A 276 -15.82 -11.45 5.48
C GLU A 276 -16.40 -10.12 5.94
N ALA A 277 -17.38 -9.59 5.19
CA ALA A 277 -17.88 -8.25 5.48
C ALA A 277 -18.55 -8.16 6.85
N PHE A 278 -19.08 -9.27 7.37
CA PHE A 278 -19.89 -9.27 8.58
C PHE A 278 -19.17 -9.78 9.81
N VAL A 279 -17.86 -10.04 9.76
CA VAL A 279 -17.23 -10.44 11.02
C VAL A 279 -17.01 -9.22 11.91
N VAL A 280 -16.96 -8.02 11.34
CA VAL A 280 -16.82 -6.78 12.10
C VAL A 280 -18.19 -6.39 12.66
N PRO A 281 -18.28 -5.93 13.90
CA PRO A 281 -19.57 -5.43 14.40
C PRO A 281 -20.09 -4.29 13.54
N TYR A 282 -19.33 -3.19 13.53
CA TYR A 282 -19.61 -2.04 12.68
C TYR A 282 -18.38 -1.79 11.81
N GLY A 283 -18.59 -1.67 10.51
CA GLY A 283 -17.47 -1.46 9.62
C GLY A 283 -17.49 -0.06 9.05
N THR A 284 -16.37 0.34 8.46
CA THR A 284 -16.25 1.63 7.80
C THR A 284 -15.71 1.38 6.40
N PRO A 285 -15.75 2.38 5.52
CA PRO A 285 -15.09 2.23 4.21
C PRO A 285 -13.58 2.03 4.33
N LEU A 286 -12.98 2.24 5.50
CA LEU A 286 -11.56 1.98 5.73
C LEU A 286 -11.30 0.66 6.43
N SER A 287 -12.34 -0.12 6.71
CA SER A 287 -12.22 -1.29 7.58
C SER A 287 -11.22 -2.31 7.04
N VAL A 288 -10.33 -2.77 7.91
CA VAL A 288 -9.42 -3.85 7.56
C VAL A 288 -9.90 -5.08 8.30
N ASN A 289 -10.82 -5.84 7.69
CA ASN A 289 -11.49 -6.94 8.38
C ASN A 289 -10.51 -8.01 8.83
N PHE A 290 -9.54 -8.35 7.97
CA PHE A 290 -8.52 -9.35 8.25
C PHE A 290 -7.18 -8.76 7.83
N GLY A 291 -6.34 -8.43 8.79
CA GLY A 291 -5.08 -7.80 8.51
C GLY A 291 -3.94 -8.31 9.37
N PRO A 292 -2.82 -7.60 9.32
CA PRO A 292 -1.64 -8.04 10.09
C PRO A 292 -1.95 -8.20 11.58
N THR A 293 -1.34 -9.20 12.18
CA THR A 293 -1.45 -9.44 13.61
C THR A 293 -0.05 -9.66 14.17
N VAL A 294 0.08 -9.45 15.48
CA VAL A 294 1.29 -9.87 16.16
C VAL A 294 1.23 -11.40 16.30
N ASP A 295 1.87 -12.10 15.37
CA ASP A 295 1.84 -13.56 15.30
C ASP A 295 3.02 -14.23 16.00
N GLY A 296 3.97 -13.45 16.53
CA GLY A 296 5.15 -14.04 17.12
C GLY A 296 6.11 -14.67 16.13
N ASP A 297 5.91 -14.43 14.83
CA ASP A 297 6.71 -15.09 13.80
C ASP A 297 7.21 -14.01 12.85
N PHE A 298 6.32 -13.52 11.99
CA PHE A 298 6.65 -12.35 11.19
C PHE A 298 6.86 -11.13 12.07
N LEU A 299 5.98 -10.95 13.05
CA LEU A 299 5.93 -9.76 13.88
C LEU A 299 6.01 -10.24 15.33
N THR A 300 7.12 -9.91 16.02
CA THR A 300 7.45 -10.51 17.30
C THR A 300 6.85 -9.78 18.50
N ASP A 301 6.30 -8.58 18.31
CA ASP A 301 5.81 -7.72 19.39
C ASP A 301 4.90 -6.68 18.73
N MET A 302 4.14 -5.97 19.53
CA MET A 302 3.31 -4.90 19.01
C MET A 302 4.19 -3.86 18.30
N PRO A 303 3.89 -3.51 17.05
CA PRO A 303 4.81 -2.65 16.29
C PRO A 303 5.00 -1.28 16.90
N ASP A 304 3.99 -0.77 17.61
CA ASP A 304 4.14 0.47 18.35
C ASP A 304 5.35 0.43 19.27
N ILE A 305 5.56 -0.70 19.96
CA ILE A 305 6.67 -0.81 20.90
C ILE A 305 8.01 -0.96 20.16
N LEU A 306 8.02 -1.72 19.08
CA LEU A 306 9.24 -1.85 18.28
C LEU A 306 9.68 -0.50 17.70
N LEU A 307 8.72 0.27 17.16
CA LEU A 307 9.03 1.61 16.67
C LEU A 307 9.59 2.49 17.79
N GLU A 308 8.89 2.52 18.93
CA GLU A 308 9.28 3.42 20.02
C GLU A 308 10.65 3.08 20.57
N LEU A 309 11.02 1.79 20.63
CA LEU A 309 12.29 1.38 21.23
C LEU A 309 13.37 1.09 20.20
N GLY A 310 13.18 1.54 18.95
CA GLY A 310 14.24 1.47 17.94
C GLY A 310 14.49 0.11 17.36
N GLN A 311 13.53 -0.82 17.44
CA GLN A 311 13.75 -2.21 16.99
C GLN A 311 13.29 -2.36 15.54
N PHE A 312 14.13 -1.93 14.60
CA PHE A 312 13.82 -2.06 13.19
C PHE A 312 15.09 -1.96 12.35
N LYS A 313 14.97 -2.31 11.07
CA LYS A 313 16.11 -2.22 10.16
C LYS A 313 16.59 -0.78 10.06
N LYS A 314 17.90 -0.56 10.23
CA LYS A 314 18.49 0.78 10.19
C LYS A 314 18.91 1.08 8.76
N THR A 315 18.26 2.06 8.14
CA THR A 315 18.43 2.33 6.71
C THR A 315 17.70 3.64 6.41
N GLN A 316 17.82 4.10 5.17
CA GLN A 316 17.14 5.31 4.73
C GLN A 316 15.69 5.00 4.39
N ILE A 317 14.78 5.91 4.70
CA ILE A 317 13.41 5.78 4.25
C ILE A 317 12.98 7.03 3.52
N LEU A 318 12.05 6.85 2.61
CA LEU A 318 11.37 7.89 1.86
C LEU A 318 9.88 7.73 2.13
N VAL A 319 9.25 8.78 2.62
CA VAL A 319 7.87 8.71 3.12
C VAL A 319 7.10 9.92 2.59
N GLY A 320 5.81 9.73 2.31
CA GLY A 320 5.02 10.88 1.91
C GLY A 320 3.54 10.59 1.85
N VAL A 321 2.77 11.65 1.57
CA VAL A 321 1.31 11.63 1.61
C VAL A 321 0.78 12.58 0.56
N ASN A 322 -0.51 12.47 0.30
CA ASN A 322 -1.21 13.31 -0.66
C ASN A 322 -2.08 14.31 0.08
N LYS A 323 -2.34 15.44 -0.59
CA LYS A 323 -3.07 16.56 0.01
C LYS A 323 -4.46 16.16 0.48
N ASP A 324 -5.16 15.32 -0.30
CA ASP A 324 -6.52 14.96 0.08
C ASP A 324 -6.69 13.44 0.24
N GLU A 325 -5.89 12.83 1.13
CA GLU A 325 -6.01 11.39 1.41
C GLU A 325 -7.43 10.95 1.74
N GLY A 326 -8.22 11.79 2.40
CA GLY A 326 -9.49 11.36 2.95
C GLY A 326 -10.70 11.40 2.03
N THR A 327 -10.63 12.18 0.94
CA THR A 327 -11.85 12.47 0.17
C THR A 327 -12.45 11.22 -0.47
N ALA A 328 -11.60 10.37 -1.06
CA ALA A 328 -12.08 9.19 -1.76
C ALA A 328 -13.03 8.35 -0.92
N PHE A 329 -12.81 8.30 0.39
CA PHE A 329 -13.61 7.44 1.24
C PHE A 329 -14.95 8.06 1.60
N LEU A 330 -15.08 9.38 1.44
CA LEU A 330 -16.33 10.04 1.79
C LEU A 330 -17.48 9.57 0.90
N VAL A 331 -17.20 9.32 -0.38
CA VAL A 331 -18.26 8.92 -1.32
C VAL A 331 -18.61 7.45 -1.20
N TYR A 332 -18.02 6.71 -0.26
CA TYR A 332 -18.35 5.31 -0.02
C TYR A 332 -19.16 5.12 1.26
N GLY A 333 -19.95 6.12 1.66
CA GLY A 333 -20.79 5.91 2.82
C GLY A 333 -21.22 7.16 3.56
N ALA A 334 -20.40 8.20 3.53
CA ALA A 334 -20.74 9.42 4.27
C ALA A 334 -22.03 10.02 3.72
N PRO A 335 -22.93 10.47 4.59
CA PRO A 335 -24.20 11.03 4.12
C PRO A 335 -24.02 12.41 3.53
N GLY A 336 -24.80 12.69 2.47
CA GLY A 336 -24.73 13.94 1.76
C GLY A 336 -23.65 14.01 0.72
N PHE A 337 -22.83 12.98 0.59
CA PHE A 337 -21.68 12.99 -0.31
C PHE A 337 -22.00 12.24 -1.60
N SER A 338 -21.42 12.72 -2.70
CA SER A 338 -21.60 12.03 -3.98
C SER A 338 -20.53 12.53 -4.93
N LYS A 339 -19.95 11.61 -5.70
CA LYS A 339 -19.04 12.07 -6.74
C LYS A 339 -19.75 12.91 -7.80
N ASP A 340 -21.08 12.92 -7.84
CA ASP A 340 -21.82 13.54 -8.92
C ASP A 340 -22.43 14.90 -8.57
N ASN A 341 -22.11 15.44 -7.39
CA ASN A 341 -22.38 16.84 -7.05
C ASN A 341 -21.25 17.34 -6.16
N ASN A 342 -21.33 18.62 -5.76
CA ASN A 342 -20.27 19.24 -4.98
C ASN A 342 -20.38 19.00 -3.47
N SER A 343 -21.29 18.13 -3.03
CA SER A 343 -21.26 17.52 -1.70
C SER A 343 -21.17 18.55 -0.57
N ILE A 344 -21.85 19.68 -0.74
CA ILE A 344 -21.97 20.65 0.34
C ILE A 344 -22.85 20.05 1.42
N ILE A 345 -22.24 19.65 2.53
CA ILE A 345 -22.97 19.04 3.62
C ILE A 345 -23.14 20.06 4.73
N THR A 346 -24.12 19.81 5.59
CA THR A 346 -24.42 20.68 6.72
C THR A 346 -23.68 20.17 7.97
N ARG A 347 -23.80 20.95 9.05
CA ARG A 347 -23.20 20.54 10.32
C ARG A 347 -23.74 19.19 10.78
N LYS A 348 -25.05 18.97 10.68
CA LYS A 348 -25.60 17.70 11.13
C LYS A 348 -25.15 16.54 10.23
N GLU A 349 -24.89 16.83 8.95
CA GLU A 349 -24.35 15.80 8.07
C GLU A 349 -22.92 15.42 8.46
N PHE A 350 -22.09 16.43 8.72
CA PHE A 350 -20.75 16.20 9.25
C PHE A 350 -20.80 15.31 10.49
N GLN A 351 -21.67 15.63 11.45
CA GLN A 351 -21.75 14.84 12.67
C GLN A 351 -22.10 13.39 12.35
N GLU A 352 -23.04 13.19 11.43
CA GLU A 352 -23.40 11.84 11.01
C GLU A 352 -22.22 11.14 10.36
N GLY A 353 -21.41 11.89 9.59
CA GLY A 353 -20.21 11.31 8.99
C GLY A 353 -19.21 10.80 10.01
N LEU A 354 -19.03 11.53 11.13
CA LEU A 354 -18.09 11.05 12.15
C LEU A 354 -18.55 9.73 12.74
N LYS A 355 -19.86 9.52 12.84
CA LYS A 355 -20.34 8.25 13.37
C LYS A 355 -20.12 7.13 12.37
N ILE A 356 -20.15 7.43 11.07
CA ILE A 356 -19.84 6.41 10.06
C ILE A 356 -18.35 6.10 10.05
N PHE A 357 -17.50 7.08 10.31
CA PHE A 357 -16.06 6.83 10.28
C PHE A 357 -15.45 6.51 11.63
N PHE A 358 -16.15 6.81 12.74
CA PHE A 358 -15.63 6.51 14.08
C PHE A 358 -16.71 5.80 14.90
N PRO A 359 -17.17 4.63 14.42
CA PRO A 359 -18.39 4.04 14.98
C PRO A 359 -18.30 3.63 16.44
N GLY A 360 -17.19 3.01 16.87
CA GLY A 360 -17.13 2.55 18.25
C GLY A 360 -16.58 3.58 19.23
N VAL A 361 -16.66 4.86 18.86
CA VAL A 361 -16.01 5.94 19.61
C VAL A 361 -17.06 6.69 20.42
N SER A 362 -16.68 7.11 21.63
CA SER A 362 -17.57 7.78 22.57
C SER A 362 -18.11 9.09 22.01
N GLU A 363 -19.29 9.46 22.51
CA GLU A 363 -19.87 10.76 22.15
C GLU A 363 -18.87 11.89 22.40
N PHE A 364 -18.11 11.82 23.50
CA PHE A 364 -17.13 12.84 23.80
C PHE A 364 -16.01 12.84 22.76
N GLY A 365 -15.50 11.66 22.40
CA GLY A 365 -14.50 11.56 21.35
C GLY A 365 -14.92 12.25 20.06
N LYS A 366 -16.16 12.03 19.61
CA LYS A 366 -16.62 12.63 18.37
C LYS A 366 -16.85 14.13 18.54
N GLU A 367 -17.31 14.57 19.72
CA GLU A 367 -17.33 16.02 19.97
C GLU A 367 -15.93 16.60 19.86
N SER A 368 -14.92 15.87 20.36
CA SER A 368 -13.56 16.40 20.33
C SER A 368 -13.06 16.56 18.90
N ILE A 369 -13.41 15.61 18.01
CA ILE A 369 -13.07 15.78 16.59
C ILE A 369 -13.78 17.01 16.03
N LEU A 370 -15.08 17.12 16.28
CA LEU A 370 -15.83 18.24 15.74
C LEU A 370 -15.28 19.56 16.24
N PHE A 371 -14.92 19.62 17.52
CA PHE A 371 -14.39 20.86 18.10
C PHE A 371 -13.04 21.25 17.49
N HIS A 372 -12.16 20.28 17.24
CA HIS A 372 -10.85 20.61 16.67
CA HIS A 372 -10.87 20.67 16.69
C HIS A 372 -10.94 20.96 15.19
N TYR A 373 -11.96 20.49 14.47
CA TYR A 373 -12.01 20.72 13.04
C TYR A 373 -13.05 21.72 12.57
N THR A 374 -13.85 22.31 13.47
CA THR A 374 -14.90 23.22 13.01
C THR A 374 -14.73 24.64 13.51
N ASP A 375 -13.52 25.04 13.86
CA ASP A 375 -13.25 26.43 14.21
C ASP A 375 -12.78 27.15 12.94
N TRP A 376 -13.76 27.67 12.20
CA TRP A 376 -13.53 28.16 10.86
C TRP A 376 -12.86 29.52 10.88
N VAL A 377 -11.95 29.74 9.92
CA VAL A 377 -11.45 31.09 9.69
C VAL A 377 -12.57 31.98 9.11
N ASP A 378 -13.34 31.47 8.14
CA ASP A 378 -14.54 32.17 7.69
C ASP A 378 -15.74 31.24 7.86
N ASP A 379 -16.67 31.70 8.71
CA ASP A 379 -17.89 31.02 9.11
C ASP A 379 -18.90 30.83 7.98
N GLN A 380 -18.79 31.60 6.90
CA GLN A 380 -19.86 31.61 5.89
C GLN A 380 -19.73 30.48 4.87
N ARG A 381 -18.51 30.14 4.49
CA ARG A 381 -18.28 29.30 3.31
C ARG A 381 -18.99 27.95 3.42
N PRO A 382 -19.81 27.57 2.43
CA PRO A 382 -20.55 26.30 2.54
C PRO A 382 -19.70 25.04 2.40
N GLU A 383 -18.46 25.14 1.93
CA GLU A 383 -17.61 23.95 1.83
C GLU A 383 -17.07 23.51 3.18
N ASN A 384 -17.13 24.39 4.20
CA ASN A 384 -16.53 24.15 5.51
C ASN A 384 -16.67 22.70 5.97
N TYR A 385 -17.91 22.21 6.06
CA TYR A 385 -18.10 20.87 6.61
C TYR A 385 -17.61 19.78 5.67
N ARG A 386 -17.87 19.93 4.36
CA ARG A 386 -17.38 18.94 3.41
C ARG A 386 -15.86 18.81 3.50
N GLU A 387 -15.16 19.93 3.56
CA GLU A 387 -13.72 19.90 3.62
C GLU A 387 -13.23 19.38 4.97
N ALA A 388 -13.91 19.76 6.07
CA ALA A 388 -13.45 19.31 7.38
C ALA A 388 -13.49 17.79 7.48
N LEU A 389 -14.56 17.17 6.96
CA LEU A 389 -14.69 15.73 7.13
C LEU A 389 -13.63 14.99 6.31
N GLY A 390 -13.30 15.52 5.13
CA GLY A 390 -12.19 14.94 4.36
C GLY A 390 -10.87 15.04 5.10
N ASP A 391 -10.55 16.23 5.61
CA ASP A 391 -9.33 16.42 6.38
C ASP A 391 -9.32 15.55 7.64
N VAL A 392 -10.48 15.38 8.28
CA VAL A 392 -10.56 14.50 9.44
C VAL A 392 -10.12 13.09 9.05
N VAL A 393 -10.71 12.54 7.97
CA VAL A 393 -10.47 11.14 7.65
C VAL A 393 -9.03 10.94 7.16
N GLY A 394 -8.51 11.93 6.43
CA GLY A 394 -7.16 11.85 5.90
C GLY A 394 -6.09 12.07 6.95
N ASP A 395 -6.29 13.05 7.83
CA ASP A 395 -5.29 13.31 8.87
C ASP A 395 -5.18 12.13 9.82
N TYR A 396 -6.34 11.59 10.21
CA TYR A 396 -6.37 10.52 11.21
C TYR A 396 -5.86 9.21 10.61
N ASN A 397 -6.26 8.90 9.38
CA ASN A 397 -5.96 7.58 8.85
C ASN A 397 -4.63 7.47 8.14
N PHE A 398 -4.05 8.60 7.70
CA PHE A 398 -2.89 8.53 6.82
C PHE A 398 -1.80 9.54 7.17
N ILE A 399 -2.13 10.84 7.18
CA ILE A 399 -1.07 11.84 7.18
C ILE A 399 -0.31 11.86 8.52
N CYS A 400 -1.06 11.94 9.62
CA CYS A 400 -0.45 11.96 10.96
C CYS A 400 0.29 10.66 11.36
N PRO A 401 -0.22 9.45 11.07
CA PRO A 401 0.61 8.23 11.25
C PRO A 401 1.88 8.27 10.40
N ALA A 402 1.77 8.69 9.14
CA ALA A 402 2.97 8.77 8.31
C ALA A 402 3.99 9.72 8.92
N LEU A 403 3.54 10.90 9.35
CA LEU A 403 4.45 11.84 9.97
C LEU A 403 5.06 11.25 11.24
N GLU A 404 4.19 10.71 12.13
CA GLU A 404 4.67 10.10 13.39
C GLU A 404 5.72 9.03 13.15
N PHE A 405 5.47 8.15 12.17
CA PHE A 405 6.42 7.10 11.84
C PHE A 405 7.77 7.69 11.43
N THR A 406 7.74 8.73 10.58
CA THR A 406 8.98 9.34 10.10
C THR A 406 9.76 10.00 11.24
N LYS A 407 9.09 10.77 12.10
CA LYS A 407 9.72 11.32 13.29
C LYS A 407 10.42 10.24 14.09
N LYS A 408 9.67 9.20 14.47
CA LYS A 408 10.20 8.18 15.36
C LYS A 408 11.33 7.42 14.70
N PHE A 409 11.18 7.11 13.41
CA PHE A 409 12.21 6.38 12.71
C PHE A 409 13.49 7.20 12.58
N SER A 410 13.37 8.48 12.22
CA SER A 410 14.54 9.33 12.10
C SER A 410 15.25 9.55 13.43
N GLU A 411 14.54 9.44 14.56
CA GLU A 411 15.16 9.71 15.86
C GLU A 411 16.24 8.69 16.21
N TRP A 412 16.35 7.59 15.46
CA TRP A 412 17.40 6.62 15.70
C TRP A 412 18.53 6.74 14.69
N GLY A 413 18.69 7.91 14.07
CA GLY A 413 19.89 8.22 13.34
C GLY A 413 19.86 8.04 11.84
N ASN A 414 18.76 7.59 11.26
CA ASN A 414 18.76 7.34 9.82
C ASN A 414 18.15 8.50 9.05
N ASN A 415 18.71 8.73 7.87
CA ASN A 415 18.18 9.72 6.94
C ASN A 415 16.75 9.34 6.51
N ALA A 416 15.87 10.33 6.54
CA ALA A 416 14.49 10.18 6.15
C ALA A 416 14.13 11.36 5.25
N PHE A 417 13.28 11.11 4.26
CA PHE A 417 12.83 12.16 3.37
C PHE A 417 11.32 12.12 3.27
N PHE A 418 10.69 13.28 3.40
CA PHE A 418 9.24 13.37 3.43
C PHE A 418 8.75 14.29 2.33
N TYR A 419 7.73 13.83 1.59
CA TYR A 419 7.14 14.62 0.52
C TYR A 419 5.66 14.81 0.78
N TYR A 420 5.12 15.82 0.09
CA TYR A 420 3.72 16.20 0.17
C TYR A 420 3.23 16.35 -1.26
N PHE A 421 2.52 15.36 -1.77
CA PHE A 421 2.03 15.38 -3.15
C PHE A 421 0.73 16.17 -3.21
N GLU A 422 0.72 17.23 -4.01
CA GLU A 422 -0.43 18.12 -4.05
C GLU A 422 -0.79 18.50 -5.47
N HIS A 423 -0.49 17.64 -6.44
CA HIS A 423 -0.88 17.92 -7.82
C HIS A 423 -2.20 17.22 -8.14
N ARG A 424 -3.19 18.01 -8.53
CA ARG A 424 -4.47 17.51 -9.02
C ARG A 424 -4.38 17.26 -10.53
N SER A 425 -4.52 16.00 -10.93
CA SER A 425 -4.24 15.58 -12.30
C SER A 425 -5.26 16.17 -13.28
N SER A 426 -4.74 16.66 -14.41
CA SER A 426 -5.54 17.46 -15.37
C SER A 426 -6.85 16.79 -15.72
N LYS A 427 -6.81 15.51 -16.04
CA LYS A 427 -7.97 14.81 -16.57
C LYS A 427 -8.22 13.57 -15.71
N LEU A 428 -8.88 13.79 -14.58
CA LEU A 428 -9.30 12.75 -13.68
C LEU A 428 -10.82 12.64 -13.68
N PRO A 429 -11.34 11.42 -13.54
CA PRO A 429 -12.79 11.22 -13.68
C PRO A 429 -13.60 11.58 -12.43
N TRP A 430 -12.96 11.66 -11.26
CA TRP A 430 -13.57 12.12 -10.03
C TRP A 430 -13.75 13.63 -10.04
N PRO A 431 -14.76 14.15 -9.34
CA PRO A 431 -14.97 15.61 -9.32
C PRO A 431 -13.82 16.33 -8.64
N GLU A 432 -13.77 17.65 -8.88
CA GLU A 432 -12.69 18.48 -8.37
C GLU A 432 -12.72 18.63 -6.86
N TRP A 433 -13.90 18.61 -6.23
CA TRP A 433 -13.93 18.81 -4.78
C TRP A 433 -13.15 17.75 -4.04
N MET A 434 -12.92 16.59 -4.65
CA MET A 434 -12.17 15.52 -3.99
C MET A 434 -10.67 15.76 -4.01
N GLY A 435 -10.17 16.63 -4.89
CA GLY A 435 -8.81 17.14 -4.79
C GLY A 435 -7.76 16.11 -5.18
N VAL A 436 -6.68 16.07 -4.40
CA VAL A 436 -5.49 15.24 -4.69
C VAL A 436 -5.70 13.93 -3.91
N MET A 437 -6.24 12.93 -4.59
CA MET A 437 -6.87 11.82 -3.89
C MET A 437 -5.88 10.71 -3.56
N HIS A 438 -6.28 9.89 -2.60
CA HIS A 438 -5.52 8.73 -2.18
C HIS A 438 -5.22 7.78 -3.34
N GLY A 439 -3.93 7.55 -3.59
CA GLY A 439 -3.49 6.63 -4.63
C GLY A 439 -3.17 7.26 -5.97
N TYR A 440 -3.43 8.56 -6.15
CA TYR A 440 -3.29 9.18 -7.45
C TYR A 440 -1.92 9.83 -7.63
N GLU A 441 -0.97 9.57 -6.72
CA GLU A 441 0.43 9.82 -7.04
C GLU A 441 1.08 8.62 -7.70
N ILE A 442 0.49 7.44 -7.57
CA ILE A 442 1.15 6.22 -8.02
C ILE A 442 1.51 6.32 -9.50
N GLU A 443 0.57 6.77 -10.34
CA GLU A 443 0.88 6.83 -11.76
C GLU A 443 2.07 7.74 -12.04
N PHE A 444 2.27 8.79 -11.23
CA PHE A 444 3.43 9.67 -11.43
C PHE A 444 4.71 8.96 -11.04
N VAL A 445 4.65 8.16 -9.97
CA VAL A 445 5.80 7.37 -9.53
C VAL A 445 6.21 6.35 -10.59
N PHE A 446 5.22 5.75 -11.27
CA PHE A 446 5.46 4.70 -12.25
C PHE A 446 5.74 5.25 -13.64
N GLY A 447 5.67 6.58 -13.82
CA GLY A 447 6.09 7.18 -15.06
C GLY A 447 5.06 7.14 -16.17
N LEU A 448 3.80 6.82 -15.87
CA LEU A 448 2.77 6.84 -16.92
C LEU A 448 2.68 8.19 -17.62
N PRO A 449 2.70 9.34 -16.92
CA PRO A 449 2.69 10.62 -17.65
C PRO A 449 3.86 10.76 -18.64
N LEU A 450 4.89 9.93 -18.58
CA LEU A 450 5.93 10.01 -19.59
C LEU A 450 5.41 9.58 -20.95
N GLU A 451 4.36 8.77 -21.01
CA GLU A 451 3.80 8.38 -22.29
C GLU A 451 3.02 9.57 -22.83
N ARG A 452 3.66 10.31 -23.75
CA ARG A 452 3.07 11.46 -24.43
C ARG A 452 1.70 11.12 -25.00
N ARG A 453 1.63 10.07 -25.82
CA ARG A 453 0.44 9.31 -26.22
C ARG A 453 -0.85 9.47 -25.41
N ASP A 454 -1.12 10.59 -24.75
CA ASP A 454 -2.11 10.44 -23.70
C ASP A 454 -2.74 11.76 -23.26
N GLN A 455 -3.62 11.59 -22.27
CA GLN A 455 -4.37 12.51 -21.41
C GLN A 455 -3.56 13.47 -20.56
N TYR A 456 -2.23 13.37 -20.58
CA TYR A 456 -1.42 14.09 -19.60
C TYR A 456 -0.88 15.39 -20.19
N THR A 457 -0.86 16.46 -19.38
CA THR A 457 -0.25 17.70 -19.85
C THR A 457 1.28 17.60 -19.83
N LYS A 458 1.93 18.62 -20.43
CA LYS A 458 3.37 18.67 -20.43
C LYS A 458 3.95 18.90 -19.05
N ALA A 459 3.26 19.71 -18.24
CA ALA A 459 3.69 19.92 -16.88
C ALA A 459 3.69 18.60 -16.14
N GLU A 460 2.65 17.78 -16.37
CA GLU A 460 2.53 16.48 -15.70
C GLU A 460 3.64 15.53 -16.15
N GLU A 461 4.00 15.58 -17.43
CA GLU A 461 5.14 14.80 -17.91
C GLU A 461 6.41 15.20 -17.17
N ILE A 462 6.65 16.50 -16.99
CA ILE A 462 7.88 16.92 -16.34
C ILE A 462 7.87 16.53 -14.87
N LEU A 463 6.73 16.72 -14.18
CA LEU A 463 6.63 16.31 -12.78
C LEU A 463 6.95 14.82 -12.64
N SER A 464 6.36 13.99 -13.50
CA SER A 464 6.59 12.55 -13.39
C SER A 464 8.07 12.22 -13.63
N ARG A 465 8.68 12.84 -14.65
CA ARG A 465 10.07 12.58 -14.97
C ARG A 465 10.97 12.92 -13.79
N SER A 466 10.63 13.98 -13.06
N SER A 466 10.64 13.98 -13.06
CA SER A 466 11.42 14.37 -11.90
CA SER A 466 11.42 14.38 -11.90
C SER A 466 11.21 13.40 -10.74
C SER A 466 11.21 13.40 -10.74
N ILE A 467 9.95 13.06 -10.43
CA ILE A 467 9.66 12.09 -9.38
C ILE A 467 10.35 10.76 -9.67
N VAL A 468 10.24 10.30 -10.92
CA VAL A 468 10.88 9.06 -11.33
C VAL A 468 12.39 9.11 -11.09
N LYS A 469 13.03 10.23 -11.42
CA LYS A 469 14.46 10.35 -11.15
C LYS A 469 14.74 10.39 -9.65
N ARG A 470 13.90 11.09 -8.88
CA ARG A 470 14.12 11.13 -7.44
C ARG A 470 13.97 9.74 -6.81
N TRP A 471 12.92 9.00 -7.18
CA TRP A 471 12.72 7.65 -6.64
C TRP A 471 13.88 6.73 -7.01
N ALA A 472 14.39 6.86 -8.24
CA ALA A 472 15.48 5.99 -8.67
C ALA A 472 16.77 6.35 -7.94
N ASN A 473 17.06 7.64 -7.83
CA ASN A 473 18.25 8.03 -7.08
C ASN A 473 18.12 7.58 -5.64
N PHE A 474 16.92 7.65 -5.07
CA PHE A 474 16.75 7.12 -3.73
C PHE A 474 17.06 5.63 -3.70
N ALA A 475 16.50 4.87 -4.65
CA ALA A 475 16.78 3.43 -4.68
C ALA A 475 18.27 3.17 -4.82
N LYS A 476 18.90 3.78 -5.84
CA LYS A 476 20.29 3.47 -6.13
C LYS A 476 21.23 4.02 -5.06
N TYR A 477 21.00 5.25 -4.61
CA TYR A 477 22.01 5.97 -3.83
C TYR A 477 21.56 6.42 -2.44
N GLY A 478 20.36 6.06 -2.01
CA GLY A 478 19.87 6.52 -0.72
C GLY A 478 19.58 8.00 -0.62
N ASN A 479 19.48 8.72 -1.74
CA ASN A 479 19.33 10.18 -1.70
C ASN A 479 18.45 10.67 -2.85
N PRO A 480 17.18 11.12 -2.58
CA PRO A 480 16.21 11.35 -3.65
C PRO A 480 16.33 12.74 -4.28
N GLN A 481 17.54 13.12 -4.68
CA GLN A 481 17.76 14.37 -5.38
C GLN A 481 17.60 14.18 -6.88
N GLU A 482 17.21 15.26 -7.55
CA GLU A 482 17.38 15.42 -9.00
C GLU A 482 18.49 16.45 -9.15
N THR A 483 19.69 16.00 -9.56
CA THR A 483 20.88 16.84 -9.48
C THR A 483 21.15 17.68 -10.73
N GLN A 484 20.55 17.35 -11.87
CA GLN A 484 20.99 17.94 -13.14
C GLN A 484 20.21 19.18 -13.56
N ASN A 485 18.96 19.34 -13.15
CA ASN A 485 18.09 20.36 -13.72
C ASN A 485 17.77 21.46 -12.72
N GLN A 486 18.80 21.90 -11.97
CA GLN A 486 18.70 22.98 -10.99
C GLN A 486 17.41 22.86 -10.16
N SER A 487 17.22 21.68 -9.58
CA SER A 487 16.01 21.39 -8.82
C SER A 487 16.21 21.76 -7.36
N THR A 488 15.11 22.06 -6.69
CA THR A 488 15.12 22.17 -5.23
C THR A 488 15.78 20.94 -4.62
N SER A 489 16.72 21.19 -3.73
CA SER A 489 17.30 20.09 -2.97
C SER A 489 16.28 19.59 -1.96
N TRP A 490 16.26 18.28 -1.74
CA TRP A 490 15.30 17.69 -0.82
C TRP A 490 15.98 17.51 0.53
N PRO A 491 15.65 18.32 1.53
CA PRO A 491 16.32 18.18 2.83
C PRO A 491 15.93 16.91 3.54
N VAL A 492 16.89 16.41 4.32
CA VAL A 492 16.63 15.35 5.29
C VAL A 492 15.56 15.81 6.29
N PHE A 493 14.63 14.91 6.61
CA PHE A 493 13.59 15.16 7.62
C PHE A 493 14.11 14.76 9.00
N LYS A 494 14.13 15.72 9.93
CA LYS A 494 14.61 15.49 11.29
C LYS A 494 13.52 15.84 12.30
N SER A 495 13.57 15.15 13.44
CA SER A 495 12.54 15.27 14.49
C SER A 495 12.25 16.71 14.90
N THR A 496 13.24 17.60 14.86
CA THR A 496 13.05 18.96 15.32
C THR A 496 12.51 19.87 14.21
N GLU A 497 13.31 20.08 13.16
CA GLU A 497 12.93 21.01 12.09
C GLU A 497 11.79 20.47 11.22
N GLN A 498 11.77 19.16 10.96
CA GLN A 498 10.65 18.51 10.26
C GLN A 498 10.40 19.11 8.87
N LYS A 499 11.47 19.28 8.10
CA LYS A 499 11.31 19.79 6.74
C LYS A 499 10.77 18.70 5.81
N TYR A 500 9.96 19.13 4.83
CA TYR A 500 9.43 18.24 3.81
C TYR A 500 9.37 18.97 2.48
N LEU A 501 9.29 18.20 1.40
CA LEU A 501 9.30 18.73 0.03
C LEU A 501 7.92 18.59 -0.58
N THR A 502 7.42 19.65 -1.21
CA THR A 502 6.13 19.56 -1.89
C THR A 502 6.31 19.19 -3.34
N LEU A 503 5.35 18.43 -3.86
CA LEU A 503 5.41 17.89 -5.21
C LEU A 503 4.22 18.42 -6.00
N ASN A 504 4.50 19.18 -7.06
CA ASN A 504 3.46 19.82 -7.87
C ASN A 504 4.07 20.26 -9.20
N THR A 505 3.21 20.74 -10.10
CA THR A 505 3.71 21.14 -11.41
C THR A 505 4.26 22.56 -11.40
N GLU A 506 3.75 23.40 -10.51
CA GLU A 506 4.19 24.80 -10.44
C GLU A 506 5.51 24.92 -9.69
N SER A 507 5.43 25.02 -8.36
CA SER A 507 6.57 25.38 -7.50
C SER A 507 6.86 24.28 -6.50
N THR A 508 7.99 23.61 -6.69
CA THR A 508 8.58 22.77 -5.66
C THR A 508 9.01 23.65 -4.49
N ARG A 509 8.59 23.30 -3.28
CA ARG A 509 9.01 24.13 -2.14
C ARG A 509 9.37 23.29 -0.92
N ILE A 510 10.32 23.82 -0.14
CA ILE A 510 10.67 23.26 1.17
C ILE A 510 9.81 23.93 2.21
N MET A 511 9.09 23.12 2.99
N MET A 511 9.11 23.11 3.00
CA MET A 511 8.22 23.60 4.06
CA MET A 511 8.22 23.55 4.04
C MET A 511 8.50 22.79 5.31
C MET A 511 8.53 22.79 5.33
N THR A 512 7.92 23.22 6.43
CA THR A 512 8.18 22.63 7.74
C THR A 512 6.88 22.30 8.47
N LYS A 513 6.89 21.18 9.20
CA LYS A 513 5.88 20.84 10.21
C LYS A 513 4.48 20.73 9.61
N LEU A 514 4.34 19.82 8.64
CA LEU A 514 3.04 19.50 8.03
C LEU A 514 1.98 19.17 9.09
N ARG A 515 0.81 19.80 8.97
CA ARG A 515 -0.38 19.47 9.76
C ARG A 515 -0.07 19.46 11.24
N ALA A 516 0.74 20.42 11.69
CA ALA A 516 1.24 20.40 13.06
C ALA A 516 0.08 20.47 14.07
N GLN A 517 -0.81 21.43 13.89
CA GLN A 517 -1.95 21.58 14.80
C GLN A 517 -2.84 20.35 14.78
N GLN A 518 -3.14 19.83 13.59
CA GLN A 518 -4.09 18.73 13.50
C GLN A 518 -3.53 17.45 14.13
N CYS A 519 -2.23 17.20 13.95
CA CYS A 519 -1.67 15.90 14.30
C CYS A 519 -1.32 15.82 15.78
N ARG A 520 -1.10 16.98 16.45
CA ARG A 520 -1.03 17.00 17.92
C ARG A 520 -2.35 16.48 18.50
N PHE A 521 -3.47 16.84 17.88
CA PHE A 521 -4.75 16.27 18.28
C PHE A 521 -4.78 14.76 18.09
N TRP A 522 -4.48 14.27 16.88
CA TRP A 522 -4.66 12.85 16.59
C TRP A 522 -3.64 11.98 17.32
N THR A 523 -2.43 12.48 17.56
CA THR A 523 -1.34 11.66 18.05
C THR A 523 -1.26 11.69 19.57
N SER A 524 -1.66 12.78 20.21
CA SER A 524 -1.60 12.87 21.67
C SER A 524 -2.98 12.87 22.34
N PHE A 525 -3.90 13.72 21.92
CA PHE A 525 -5.20 13.70 22.58
C PHE A 525 -6.01 12.46 22.18
N PHE A 526 -6.32 12.31 20.89
CA PHE A 526 -7.31 11.32 20.48
C PHE A 526 -7.01 9.86 20.85
N PRO A 527 -5.76 9.37 20.88
CA PRO A 527 -5.54 7.97 21.32
C PRO A 527 -6.11 7.67 22.70
N LYS A 528 -6.38 8.67 23.51
CA LYS A 528 -6.80 8.41 24.89
C LYS A 528 -8.30 8.33 25.07
N VAL A 529 -9.10 8.86 24.13
CA VAL A 529 -10.56 8.73 24.22
C VAL A 529 -11.01 7.27 24.00
C1 NAG B . 5.70 -21.68 -24.41
C2 NAG B . 4.74 -22.80 -24.85
C3 NAG B . 5.26 -23.47 -26.13
C4 NAG B . 5.54 -22.45 -27.22
C5 NAG B . 6.51 -21.40 -26.70
C6 NAG B . 6.78 -20.29 -27.69
C7 NAG B . 3.45 -23.94 -23.10
C8 NAG B . 3.48 -25.00 -22.03
N2 NAG B . 4.58 -23.78 -23.79
O3 NAG B . 4.29 -24.41 -26.57
O4 NAG B . 6.08 -23.07 -28.38
O5 NAG B . 5.95 -20.78 -25.52
O6 NAG B . 5.69 -19.37 -27.73
O7 NAG B . 2.44 -23.27 -23.31
C1 FUC B . 6.10 -18.14 -28.36
C2 FUC B . 5.56 -18.20 -29.79
C3 FUC B . 4.02 -18.25 -29.73
C4 FUC B . 3.47 -16.98 -29.03
C5 FUC B . 4.14 -16.83 -27.64
C6 FUC B . 3.84 -15.49 -26.96
O2 FUC B . 6.08 -19.31 -30.50
O3 FUC B . 3.47 -18.36 -31.03
O4 FUC B . 3.72 -15.80 -29.82
O5 FUC B . 5.60 -16.99 -27.68
C1 NAG C . -25.47 14.91 -3.70
C2 NAG C . -26.48 15.84 -3.04
C3 NAG C . -27.07 15.20 -1.80
C4 NAG C . -27.64 13.83 -2.12
C5 NAG C . -26.69 12.95 -2.93
C6 NAG C . -27.40 11.74 -3.51
C7 NAG C . -26.08 18.24 -3.39
C8 NAG C . -25.37 19.47 -2.90
N2 NAG C . -25.87 17.12 -2.70
O3 NAG C . -28.12 16.05 -1.34
O4 NAG C . -27.89 13.18 -0.89
O5 NAG C . -26.11 13.68 -4.02
O6 NAG C . -26.99 11.42 -4.83
O7 NAG C . -26.83 18.27 -4.36
C1 NAG C . -29.31 13.00 -0.81
C2 NAG C . -29.48 11.95 0.25
C3 NAG C . -30.95 11.58 0.40
C4 NAG C . -31.88 12.62 -0.25
C5 NAG C . -31.37 14.07 -0.28
C6 NAG C . -31.77 14.86 0.95
C7 NAG C . -27.64 10.39 0.67
C8 NAG C . -27.37 11.21 1.90
N2 NAG C . -28.67 10.78 -0.07
O3 NAG C . -31.24 11.45 1.79
O4 NAG C . -32.21 12.22 -1.58
O5 NAG C . -29.94 14.18 -0.39
O6 NAG C . -33.16 15.14 0.94
O7 NAG C . -26.96 9.40 0.40
C1 FUC C . -27.99 11.41 -5.91
C2 FUC C . -27.94 9.96 -6.59
C3 FUC C . -28.87 8.90 -5.93
C4 FUC C . -30.31 9.44 -5.78
C5 FUC C . -30.31 10.78 -5.00
C6 FUC C . -31.67 11.47 -4.92
O2 FUC C . -26.60 9.45 -6.71
O3 FUC C . -28.91 7.67 -6.72
O4 FUC C . -30.95 9.59 -7.06
O5 FUC C . -29.36 11.79 -5.54
C1 NAG D . -17.11 -10.21 18.89
C2 NAG D . -17.55 -8.76 18.94
C3 NAG D . -18.83 -8.64 19.74
C4 NAG D . -19.91 -9.52 19.13
C5 NAG D . -19.41 -10.97 18.91
C6 NAG D . -20.35 -11.77 18.04
C7 NAG D . -15.87 -7.99 20.61
C8 NAG D . -14.83 -6.95 20.91
N2 NAG D . -16.50 -7.86 19.44
O3 NAG D . -19.27 -7.28 19.75
O4 NAG D . -21.05 -9.54 19.97
O5 NAG D . -18.14 -11.00 18.25
O6 NAG D . -20.47 -11.21 16.74
O7 NAG D . -16.11 -8.91 21.39
C1 NAG D . -22.19 -8.94 19.31
C2 NAG D . -23.45 -9.45 19.98
C3 NAG D . -24.69 -8.63 19.57
C4 NAG D . -24.41 -7.61 18.46
C5 NAG D . -23.04 -6.90 18.54
C6 NAG D . -23.13 -5.45 18.99
C7 NAG D . -23.28 -11.84 20.53
C8 NAG D . -23.55 -13.23 20.07
N2 NAG D . -23.66 -10.86 19.70
O3 NAG D . -25.25 -7.99 20.71
O4 NAG D . -24.58 -8.22 17.19
O5 NAG D . -22.14 -7.56 19.43
O6 NAG D . -21.86 -4.97 19.42
O7 NAG D . -22.73 -11.60 21.61
C1 FUC D . -21.80 -11.36 16.16
C2 FUC D . -22.12 -10.12 15.25
C3 FUC D . -21.27 -10.16 13.93
C4 FUC D . -21.41 -11.51 13.20
C5 FUC D . -21.18 -12.69 14.18
C6 FUC D . -21.49 -14.05 13.58
O2 FUC D . -21.96 -8.89 15.95
O3 FUC D . -21.69 -9.12 12.99
O4 FUC D . -22.68 -11.61 12.57
O5 FUC D . -21.97 -12.57 15.41
C1 NAG E . 27.23 -5.87 -7.82
C2 NAG E . 28.49 -6.75 -8.06
C3 NAG E . 28.93 -7.40 -6.75
C4 NAG E . 29.17 -6.34 -5.68
C5 NAG E . 27.89 -5.52 -5.48
C6 NAG E . 28.03 -4.40 -4.47
C7 NAG E . 28.55 -7.59 -10.37
C8 NAG E . 29.22 -6.30 -10.75
N2 NAG E . 28.24 -7.75 -9.08
O3 NAG E . 30.09 -8.19 -6.98
O4 NAG E . 29.59 -6.94 -4.44
O5 NAG E . 27.50 -4.92 -6.72
O6 NAG E . 26.91 -3.52 -4.48
O7 NAG E . 28.33 -8.47 -11.20
C1 NAG F . -8.36 -32.07 18.31
C2 NAG F . -7.42 -32.31 17.10
C3 NAG F . -6.06 -32.86 17.57
C4 NAG F . -5.47 -32.03 18.70
C5 NAG F . -6.49 -31.93 19.83
C6 NAG F . -6.01 -31.10 21.00
C7 NAG F . -7.64 -33.38 14.88
C8 NAG F . -8.42 -34.38 14.08
N2 NAG F . -8.04 -33.23 16.16
O3 NAG F . -5.14 -32.90 16.47
O4 NAG F . -4.27 -32.60 19.17
O5 NAG F . -7.67 -31.30 19.33
O6 NAG F . -6.94 -31.15 22.08
O7 NAG F . -6.72 -32.74 14.40
C1 NAG G . 16.13 17.75 -17.49
C2 NAG G . 15.17 16.56 -17.57
C3 NAG G . 15.03 16.05 -19.01
C4 NAG G . 14.63 17.20 -19.94
C5 NAG G . 15.68 18.29 -19.84
C6 NAG G . 15.36 19.50 -20.69
C7 NAG G . 15.05 15.19 -15.52
C8 NAG G . 15.65 14.04 -14.77
N2 NAG G . 15.61 15.49 -16.69
O3 NAG G . 14.06 15.00 -19.06
O4 NAG G . 14.52 16.75 -21.29
O5 NAG G . 15.76 18.75 -18.49
O6 NAG G . 16.30 20.55 -20.51
O7 NAG G . 14.11 15.84 -15.05
O1 MES H . -0.37 23.04 8.06
C2 MES H . 0.38 22.21 7.17
C3 MES H . -0.18 22.29 5.77
N4 MES H . -1.63 22.42 5.95
C5 MES H . -2.23 21.79 7.12
C6 MES H . -1.68 22.52 8.34
C7 MES H . -2.47 22.63 4.77
C8 MES H . -1.69 22.13 3.56
S MES H . -2.75 21.87 2.30
O1S MES H . -2.22 22.49 1.05
O2S MES H . -2.86 20.42 2.02
O3S MES H . -4.10 22.38 2.67
CAT 9A5 I . -5.49 3.34 -3.56
CAP 9A5 I . -5.02 1.98 -3.01
CAQ 9A5 I . -5.76 0.78 -3.64
CAU 9A5 I . -7.30 0.98 -3.73
CBE 9A5 I . -7.85 2.35 -4.01
CBD 9A5 I . -6.98 3.51 -3.93
NAW 9A5 I . -7.45 4.74 -4.18
CBG 9A5 I . -8.80 4.95 -4.52
CAK 9A5 I . -9.27 6.26 -4.79
CBB 9A5 I . -10.56 6.52 -5.12
CL 9A5 I . -11.01 8.12 -5.44
CAF 9A5 I . -11.52 5.51 -5.23
CAI 9A5 I . -11.09 4.23 -4.99
CBJ 9A5 I . -9.73 3.89 -4.64
CBF 9A5 I . -9.23 2.56 -4.34
NAY 9A5 I . -10.11 1.45 -4.44
CAS 9A5 I . -10.63 0.63 -3.39
CAO 9A5 I . -12.05 0.92 -3.00
CAM 9A5 I . -12.22 2.02 -1.96
CAL 9A5 I . -12.68 1.50 -0.55
CAN 9A5 I . -14.18 1.56 -0.26
CAR 9A5 I . -14.77 0.29 0.43
NAX 9A5 I . -13.94 -0.18 1.59
C 9A5 I . -13.53 -1.54 1.79
O 9A5 I . -13.85 -2.40 0.99
CA 9A5 I . -12.65 -1.94 3.03
N 9A5 I . -13.42 -2.87 3.88
CB 9A5 I . -11.42 -2.69 2.48
CG 9A5 I . -10.69 -1.91 1.43
CD2 9A5 I . -9.83 -0.75 1.65
CE3 9A5 I . -9.44 -0.06 2.79
CZ3 9A5 I . -8.59 1.03 2.69
CH2 9A5 I . -8.10 1.47 1.43
CZ2 9A5 I . -8.45 0.81 0.26
CE2 9A5 I . -9.32 -0.31 0.37
NE1 9A5 I . -9.84 -1.17 -0.62
CD1 9A5 I . -10.69 -2.14 0.05
C1 GOL J . 1.29 -5.44 -20.52
O1 GOL J . 2.16 -6.21 -21.31
C2 GOL J . 2.14 -4.29 -19.92
O2 GOL J . 2.67 -3.48 -20.90
C3 GOL J . 3.27 -5.01 -19.08
O3 GOL J . 4.32 -4.11 -18.95
C1 GOL K . 21.76 5.46 -17.39
O1 GOL K . 22.15 4.66 -18.48
C2 GOL K . 21.21 4.51 -16.27
O2 GOL K . 22.23 3.76 -15.66
C3 GOL K . 20.40 5.40 -15.25
O3 GOL K . 20.42 6.73 -15.70
C1 GOL L . -22.59 26.04 12.36
O1 GOL L . -23.36 25.60 11.25
C2 GOL L . -21.17 26.34 11.85
O2 GOL L . -21.16 26.87 10.57
C3 GOL L . -20.52 27.28 12.90
O3 GOL L . -19.70 26.49 13.74
S SO4 M . 22.11 7.30 7.05
O1 SO4 M . 23.05 6.18 6.82
O2 SO4 M . 20.71 6.85 7.00
O3 SO4 M . 22.32 8.30 6.00
O4 SO4 M . 22.40 7.88 8.37
S SO4 N . -10.39 -2.00 11.54
O1 SO4 N . -9.36 -2.97 11.97
O2 SO4 N . -11.61 -2.67 11.09
O3 SO4 N . -10.73 -1.16 12.68
O4 SO4 N . -9.86 -1.17 10.45
S SO4 O . 12.11 22.31 -9.20
O1 SO4 O . 12.58 21.26 -8.29
O2 SO4 O . 10.82 21.90 -9.80
O3 SO4 O . 13.10 22.55 -10.26
O4 SO4 O . 11.93 23.56 -8.45
S SO4 P . -24.72 20.78 18.10
O1 SO4 P . -25.24 19.43 18.37
O2 SO4 P . -23.27 20.83 18.33
O3 SO4 P . -25.39 21.71 19.01
O4 SO4 P . -25.02 21.18 16.71
CL CL Q . -6.30 -2.59 -17.52
#